data_4J8G
#
_entry.id   4J8G
#
_cell.length_a   64.881
_cell.length_b   62.629
_cell.length_c   77.261
_cell.angle_alpha   90.00
_cell.angle_beta   93.64
_cell.angle_gamma   90.00
#
_symmetry.space_group_name_H-M   'P 1 21 1'
#
loop_
_entity.id
_entity.type
_entity.pdbx_description
1 polymer 'coatomer subunit alpha'
2 polymer 'membrane glycoprotein E3 gp19K'
3 water water
#
loop_
_entity_poly.entity_id
_entity_poly.type
_entity_poly.pdbx_seq_one_letter_code
_entity_poly.pdbx_strand_id
1 'polypeptide(L)'
;MAMLTKFESRSSRAKGVAFHPTQPWILTSLHNGRIQLWDYRMGTLLDRFDGHDGPVRGIAFHPTQPIFVSGGDDYKVNVW
NYKSRKLLFSLCGHMDYVRVCTFHHEYPWILSCSDDQTIRIWNWQSRNCIAILTGHSHYVMCAAFHPSEDLIVSASLDQT
VRVWDISGLRMKNAAPVSMSKEDQKAQAHNSISNDLFGSADAIVKFVLEGHDRGVNWCAFHPTLPLILSAGDDRLVKLWR
MTASKAWEVDTCRGHFNNVSCCLFHPHQELILSASEDKTIRVWDLNRRTAVQTFRRANDRFWFITVHPKLNLFAAAHDSG
VMVFKLE
;
A,B
2 'polypeptide(L)' AASFIDAKKMP C,D
#
# COMPACT_ATOMS: atom_id res chain seq x y z
N MET A 1 31.90 -21.36 -0.70
CA MET A 1 31.69 -20.72 -2.00
C MET A 1 32.26 -19.31 -1.99
N ALA A 2 33.04 -18.96 -3.01
CA ALA A 2 33.67 -17.63 -3.09
C ALA A 2 32.99 -16.73 -4.14
N MET A 3 32.95 -15.43 -3.87
CA MET A 3 32.44 -14.49 -4.86
C MET A 3 33.58 -13.75 -5.55
N LEU A 4 33.55 -13.77 -6.88
CA LEU A 4 34.53 -13.08 -7.66
C LEU A 4 33.84 -11.94 -8.42
N THR A 5 34.04 -10.71 -7.95
CA THR A 5 33.39 -9.55 -8.55
C THR A 5 34.13 -9.10 -9.79
N LYS A 6 33.41 -8.96 -10.91
CA LYS A 6 34.03 -8.60 -12.20
C LYS A 6 33.82 -7.15 -12.59
N PHE A 7 32.76 -6.55 -12.06
CA PHE A 7 32.37 -5.21 -12.42
C PHE A 7 31.60 -4.59 -11.29
N GLU A 8 31.81 -3.30 -11.04
CA GLU A 8 30.99 -2.62 -10.07
C GLU A 8 30.80 -1.20 -10.56
N SER A 9 29.57 -0.71 -10.47
CA SER A 9 29.29 0.69 -10.72
C SER A 9 29.06 1.34 -9.36
N ARG A 10 29.48 2.57 -9.22
CA ARG A 10 29.20 3.33 -8.02
C ARG A 10 28.16 4.36 -8.38
N SER A 11 26.96 4.22 -7.82
CA SER A 11 25.89 5.16 -8.14
C SER A 11 24.94 5.24 -6.96
N SER A 12 23.88 6.03 -7.13
CA SER A 12 22.78 6.06 -6.18
C SER A 12 22.07 4.72 -6.32
N ARG A 13 21.04 4.48 -5.49
CA ARG A 13 20.40 3.18 -5.42
C ARG A 13 20.01 2.65 -6.80
N ALA A 14 20.37 1.40 -7.10
CA ALA A 14 19.92 0.74 -8.32
C ALA A 14 18.76 -0.18 -7.97
N LYS A 15 17.79 -0.33 -8.86
CA LYS A 15 16.64 -1.19 -8.60
C LYS A 15 16.53 -2.38 -9.54
N GLY A 16 17.01 -2.26 -10.77
CA GLY A 16 16.91 -3.37 -11.72
C GLY A 16 18.19 -3.53 -12.52
N VAL A 17 18.48 -4.75 -12.98
CA VAL A 17 19.65 -5.02 -13.84
C VAL A 17 19.19 -6.05 -14.85
N ALA A 18 19.67 -5.94 -16.09
CA ALA A 18 19.36 -6.93 -17.09
C ALA A 18 20.61 -7.19 -17.90
N PHE A 19 20.96 -8.46 -18.08
CA PHE A 19 22.07 -8.86 -18.93
C PHE A 19 21.63 -8.93 -20.39
N HIS A 20 22.46 -8.44 -21.30
CA HIS A 20 22.24 -8.68 -22.71
C HIS A 20 22.57 -10.16 -22.98
N PRO A 21 21.81 -10.81 -23.86
CA PRO A 21 22.11 -12.24 -23.98
C PRO A 21 23.40 -12.56 -24.75
N THR A 22 23.94 -11.64 -25.57
CA THR A 22 25.16 -12.00 -26.32
C THR A 22 26.23 -10.93 -26.29
N GLN A 23 25.88 -9.66 -26.12
CA GLN A 23 26.89 -8.61 -25.86
C GLN A 23 27.28 -8.58 -24.39
N PRO A 24 28.51 -8.12 -24.05
CA PRO A 24 28.92 -8.08 -22.65
C PRO A 24 28.38 -6.85 -21.96
N TRP A 25 27.06 -6.70 -21.96
CA TRP A 25 26.44 -5.49 -21.43
C TRP A 25 25.44 -5.82 -20.31
N ILE A 26 25.25 -4.86 -19.43
CA ILE A 26 24.07 -4.85 -18.58
C ILE A 26 23.37 -3.51 -18.66
N LEU A 27 22.04 -3.54 -18.51
CA LEU A 27 21.31 -2.31 -18.30
C LEU A 27 21.15 -2.22 -16.81
N THR A 28 21.24 -1.00 -16.27
CA THR A 28 20.89 -0.80 -14.86
C THR A 28 19.85 0.34 -14.77
N SER A 29 18.79 0.15 -13.99
CA SER A 29 17.77 1.20 -13.84
C SER A 29 17.80 1.69 -12.40
N LEU A 30 17.80 3.00 -12.22
CA LEU A 30 18.09 3.55 -10.92
C LEU A 30 16.85 4.15 -10.32
N HIS A 31 16.94 4.37 -9.01
CA HIS A 31 15.87 4.97 -8.22
C HIS A 31 15.67 6.43 -8.60
N ASN A 32 16.71 7.04 -9.18
CA ASN A 32 16.61 8.42 -9.66
C ASN A 32 15.99 8.58 -11.05
N GLY A 33 15.56 7.47 -11.65
CA GLY A 33 14.90 7.56 -12.94
C GLY A 33 15.77 7.34 -14.16
N ARG A 34 17.08 7.29 -13.97
CA ARG A 34 17.98 7.16 -15.10
C ARG A 34 18.25 5.69 -15.41
N ILE A 35 18.50 5.37 -16.68
CA ILE A 35 18.86 4.01 -17.06
C ILE A 35 20.27 4.06 -17.65
N GLN A 36 21.14 3.15 -17.21
CA GLN A 36 22.50 3.13 -17.76
C GLN A 36 22.78 1.84 -18.52
N LEU A 37 23.63 1.92 -19.54
CA LEU A 37 24.08 0.73 -20.26
C LEU A 37 25.59 0.66 -20.09
N TRP A 38 26.05 -0.42 -19.47
CA TRP A 38 27.46 -0.60 -19.10
C TRP A 38 28.04 -1.83 -19.79
N ASP A 39 29.30 -1.72 -20.22
CA ASP A 39 30.05 -2.87 -20.72
C ASP A 39 30.83 -3.44 -19.53
N TYR A 40 30.52 -4.65 -19.09
CA TYR A 40 31.17 -5.18 -17.88
C TYR A 40 32.54 -5.82 -18.14
N ARG A 41 32.95 -5.87 -19.41
CA ARG A 41 34.28 -6.39 -19.73
C ARG A 41 35.29 -5.26 -19.83
N MET A 42 34.85 -4.13 -20.38
CA MET A 42 35.67 -2.91 -20.43
C MET A 42 35.51 -2.07 -19.16
N GLY A 43 34.38 -2.24 -18.47
CA GLY A 43 34.14 -1.56 -17.21
C GLY A 43 33.61 -0.14 -17.45
N THR A 44 33.15 0.11 -18.67
CA THR A 44 32.81 1.47 -19.15
C THR A 44 31.32 1.72 -19.44
N LEU A 45 30.90 2.97 -19.26
CA LEU A 45 29.51 3.37 -19.52
C LEU A 45 29.36 3.58 -21.02
N LEU A 46 28.38 2.92 -21.63
CA LEU A 46 28.21 3.00 -23.09
C LEU A 46 27.12 3.98 -23.47
N ASP A 47 26.08 4.10 -22.64
CA ASP A 47 24.93 4.93 -23.02
C ASP A 47 24.07 5.26 -21.80
N ARG A 48 23.29 6.33 -21.88
CA ARG A 48 22.33 6.69 -20.82
C ARG A 48 20.99 6.86 -21.49
N PHE A 49 19.94 6.41 -20.82
CA PHE A 49 18.60 6.51 -21.40
C PHE A 49 17.67 7.16 -20.39
N ASP A 50 17.10 8.31 -20.73
CA ASP A 50 16.28 9.07 -19.79
C ASP A 50 14.88 9.20 -20.38
N GLY A 51 13.91 8.49 -19.82
CA GLY A 51 12.56 8.60 -20.33
C GLY A 51 11.50 8.47 -19.27
N HIS A 52 11.91 8.58 -18.01
CA HIS A 52 11.01 8.37 -16.87
C HIS A 52 11.23 9.47 -15.83
N ASP A 53 10.18 9.77 -15.06
CA ASP A 53 10.32 10.59 -13.85
C ASP A 53 10.08 9.71 -12.62
N GLY A 54 11.03 9.74 -11.70
CA GLY A 54 10.98 8.90 -10.52
C GLY A 54 11.63 7.57 -10.83
N PRO A 55 11.64 6.68 -9.85
CA PRO A 55 12.31 5.38 -9.98
C PRO A 55 11.89 4.56 -11.20
N VAL A 56 12.86 3.78 -11.69
CA VAL A 56 12.61 2.83 -12.77
C VAL A 56 12.99 1.48 -12.21
N ARG A 57 11.97 0.65 -11.99
CA ARG A 57 12.16 -0.62 -11.26
C ARG A 57 12.27 -1.80 -12.19
N GLY A 58 11.62 -1.69 -13.35
CA GLY A 58 11.61 -2.79 -14.30
C GLY A 58 12.57 -2.50 -15.43
N ILE A 59 13.32 -3.52 -15.85
CA ILE A 59 14.23 -3.34 -16.98
C ILE A 59 14.53 -4.71 -17.54
N ALA A 60 14.46 -4.87 -18.87
CA ALA A 60 14.78 -6.12 -19.54
C ALA A 60 15.13 -5.94 -21.00
N PHE A 61 16.06 -6.75 -21.51
CA PHE A 61 16.35 -6.78 -22.94
C PHE A 61 15.47 -7.81 -23.62
N HIS A 62 15.16 -7.60 -24.90
CA HIS A 62 14.53 -8.68 -25.66
C HIS A 62 15.57 -9.75 -25.88
N PRO A 63 15.16 -11.02 -26.01
CA PRO A 63 16.22 -12.04 -26.08
C PRO A 63 16.93 -12.14 -27.41
N THR A 64 16.37 -11.58 -28.49
CA THR A 64 17.04 -11.66 -29.78
C THR A 64 17.01 -10.34 -30.57
N GLN A 65 16.08 -9.45 -30.24
CA GLN A 65 15.92 -8.19 -30.99
C GLN A 65 16.60 -7.05 -30.23
N PRO A 66 17.00 -5.96 -30.94
CA PRO A 66 17.73 -4.85 -30.32
C PRO A 66 16.81 -3.92 -29.54
N ILE A 67 15.97 -4.51 -28.72
CA ILE A 67 15.03 -3.76 -27.90
C ILE A 67 15.29 -3.99 -26.40
N PHE A 68 14.93 -2.99 -25.60
CA PHE A 68 14.75 -3.24 -24.18
C PHE A 68 13.50 -2.53 -23.72
N VAL A 69 12.99 -2.96 -22.57
CA VAL A 69 11.78 -2.38 -22.02
C VAL A 69 12.09 -1.90 -20.60
N SER A 70 11.49 -0.75 -20.20
CA SER A 70 11.67 -0.25 -18.85
C SER A 70 10.30 0.06 -18.26
N GLY A 71 10.20 -0.02 -16.94
CA GLY A 71 8.91 0.17 -16.27
C GLY A 71 9.14 1.09 -15.09
N GLY A 72 8.30 2.10 -14.95
CA GLY A 72 8.59 3.15 -14.01
C GLY A 72 7.51 3.51 -13.01
N ASP A 73 7.91 4.24 -11.99
CA ASP A 73 6.97 4.77 -11.01
C ASP A 73 6.05 5.82 -11.64
N ASP A 74 6.39 6.28 -12.83
CA ASP A 74 5.50 7.16 -13.58
C ASP A 74 4.40 6.37 -14.32
N TYR A 75 4.37 5.05 -14.10
CA TYR A 75 3.33 4.13 -14.65
C TYR A 75 3.58 3.71 -16.09
N LYS A 76 4.65 4.20 -16.70
CA LYS A 76 4.90 3.93 -18.11
C LYS A 76 5.69 2.62 -18.30
N VAL A 77 5.36 1.89 -19.35
CA VAL A 77 6.20 0.77 -19.79
C VAL A 77 6.77 1.23 -21.14
N ASN A 78 8.06 1.57 -21.14
CA ASN A 78 8.70 2.16 -22.31
C ASN A 78 9.49 1.14 -23.10
N VAL A 79 9.36 1.20 -24.41
CA VAL A 79 10.12 0.30 -25.27
C VAL A 79 11.12 1.11 -26.09
N TRP A 80 12.38 0.67 -26.07
CA TRP A 80 13.50 1.38 -26.63
C TRP A 80 14.26 0.51 -27.63
N ASN A 81 14.94 1.14 -28.60
CA ASN A 81 15.88 0.41 -29.50
C ASN A 81 17.29 0.87 -29.11
N TYR A 82 18.15 -0.08 -28.72
CA TYR A 82 19.48 0.31 -28.25
C TYR A 82 20.49 0.61 -29.36
N LYS A 83 20.14 0.31 -30.61
CA LYS A 83 21.03 0.64 -31.75
C LYS A 83 20.80 2.09 -32.18
N SER A 84 19.52 2.48 -32.26
CA SER A 84 19.15 3.85 -32.64
C SER A 84 19.13 4.74 -31.41
N ARG A 85 19.16 4.11 -30.24
CA ARG A 85 19.12 4.81 -28.96
C ARG A 85 17.81 5.59 -28.75
N LYS A 86 16.75 5.24 -29.47
CA LYS A 86 15.51 5.98 -29.35
C LYS A 86 14.51 5.29 -28.43
N LEU A 87 13.70 6.10 -27.75
CA LEU A 87 12.51 5.60 -27.10
C LEU A 87 11.50 5.43 -28.21
N LEU A 88 11.07 4.19 -28.45
CA LEU A 88 10.17 3.92 -29.55
C LEU A 88 8.73 4.28 -29.23
N PHE A 89 8.22 3.80 -28.12
CA PHE A 89 6.85 4.11 -27.75
C PHE A 89 6.67 3.82 -26.27
N SER A 90 5.56 4.30 -25.72
CA SER A 90 5.31 4.17 -24.31
C SER A 90 3.93 3.52 -24.14
N LEU A 91 3.86 2.42 -23.39
CA LEU A 91 2.62 1.68 -23.27
C LEU A 91 1.87 2.22 -22.06
N CYS A 92 0.69 2.74 -22.33
CA CYS A 92 -0.12 3.42 -21.31
C CYS A 92 -1.25 2.51 -20.88
N GLY A 93 -1.49 2.46 -19.59
CA GLY A 93 -2.50 1.56 -19.06
C GLY A 93 -2.40 1.42 -17.57
N HIS A 94 -1.21 1.20 -17.04
CA HIS A 94 -1.10 1.02 -15.60
C HIS A 94 -1.44 2.33 -14.90
N MET A 95 -1.95 2.24 -13.68
CA MET A 95 -2.37 3.46 -12.96
C MET A 95 -1.60 3.67 -11.66
N ASP A 96 -0.54 2.90 -11.47
CA ASP A 96 0.31 3.07 -10.29
C ASP A 96 1.70 2.50 -10.68
N TYR A 97 2.65 2.50 -9.74
CA TYR A 97 4.04 2.13 -10.05
C TYR A 97 4.16 0.79 -10.78
N VAL A 98 5.01 0.73 -11.80
CA VAL A 98 5.27 -0.56 -12.44
C VAL A 98 6.44 -1.20 -11.70
N ARG A 99 6.30 -2.48 -11.34
CA ARG A 99 7.31 -3.13 -10.50
C ARG A 99 8.26 -3.96 -11.33
N VAL A 100 7.77 -4.62 -12.37
CA VAL A 100 8.61 -5.51 -13.21
C VAL A 100 8.13 -5.42 -14.65
N CYS A 101 9.02 -5.50 -15.63
CA CYS A 101 8.59 -5.67 -17.02
C CYS A 101 9.58 -6.58 -17.74
N THR A 102 9.06 -7.52 -18.52
CA THR A 102 9.93 -8.48 -19.23
C THR A 102 9.34 -8.83 -20.59
N PHE A 103 10.16 -9.39 -21.50
CA PHE A 103 9.68 -9.85 -22.81
C PHE A 103 9.44 -11.35 -22.76
N HIS A 104 8.47 -11.82 -23.53
CA HIS A 104 8.28 -13.26 -23.67
C HIS A 104 9.41 -13.79 -24.56
N HIS A 105 9.77 -15.06 -24.37
CA HIS A 105 10.85 -15.70 -25.12
C HIS A 105 10.50 -16.05 -26.57
N GLU A 106 9.21 -16.06 -26.91
CA GLU A 106 8.79 -16.43 -28.26
C GLU A 106 7.73 -15.50 -28.89
N TYR A 107 6.66 -15.20 -28.15
CA TYR A 107 5.60 -14.34 -28.67
C TYR A 107 6.04 -12.87 -28.57
N PRO A 108 5.46 -12.00 -29.42
CA PRO A 108 5.83 -10.57 -29.35
C PRO A 108 5.12 -9.85 -28.21
N TRP A 109 5.33 -10.34 -26.98
CA TRP A 109 4.62 -9.82 -25.80
C TRP A 109 5.57 -9.25 -24.77
N ILE A 110 5.07 -8.28 -24.02
CA ILE A 110 5.73 -7.75 -22.83
C ILE A 110 4.79 -8.04 -21.66
N LEU A 111 5.35 -8.41 -20.52
CA LEU A 111 4.56 -8.60 -19.32
C LEU A 111 4.94 -7.47 -18.36
N SER A 112 3.97 -6.85 -17.69
CA SER A 112 4.32 -5.89 -16.64
C SER A 112 3.38 -6.09 -15.45
N CYS A 113 3.79 -5.65 -14.26
CA CYS A 113 2.90 -5.75 -13.12
C CYS A 113 3.07 -4.50 -12.31
N SER A 114 2.14 -4.27 -11.41
CA SER A 114 2.04 -2.94 -10.87
C SER A 114 1.37 -2.86 -9.51
N ASP A 115 1.67 -1.78 -8.80
CA ASP A 115 0.96 -1.41 -7.58
C ASP A 115 -0.55 -1.21 -7.81
N ASP A 116 -0.98 -1.10 -9.07
CA ASP A 116 -2.43 -0.99 -9.33
C ASP A 116 -3.18 -2.31 -9.18
N GLN A 117 -2.44 -3.32 -8.71
CA GLN A 117 -2.95 -4.66 -8.43
C GLN A 117 -3.18 -5.52 -9.68
N THR A 118 -2.73 -5.04 -10.83
CA THR A 118 -2.85 -5.82 -12.06
C THR A 118 -1.51 -6.27 -12.61
N ILE A 119 -1.57 -7.34 -13.42
CA ILE A 119 -0.52 -7.75 -14.34
C ILE A 119 -1.09 -7.48 -15.73
N ARG A 120 -0.27 -6.91 -16.62
CA ARG A 120 -0.74 -6.63 -17.99
C ARG A 120 0.12 -7.36 -18.98
N ILE A 121 -0.50 -7.84 -20.05
CA ILE A 121 0.27 -8.39 -21.15
C ILE A 121 0.04 -7.48 -22.33
N TRP A 122 1.14 -7.10 -23.00
CA TRP A 122 1.10 -6.18 -24.13
C TRP A 122 1.66 -6.88 -25.36
N ASN A 123 1.14 -6.49 -26.53
CA ASN A 123 1.73 -6.96 -27.77
C ASN A 123 2.55 -5.78 -28.30
N TRP A 124 3.84 -5.98 -28.48
CA TRP A 124 4.71 -4.86 -28.85
C TRP A 124 4.74 -4.58 -30.34
N GLN A 125 4.06 -5.41 -31.15
CA GLN A 125 3.83 -5.06 -32.55
C GLN A 125 2.60 -4.16 -32.71
N SER A 126 1.46 -4.58 -32.16
CA SER A 126 0.26 -3.75 -32.22
C SER A 126 0.26 -2.57 -31.26
N ARG A 127 1.15 -2.61 -30.25
CA ARG A 127 1.28 -1.57 -29.23
C ARG A 127 0.03 -1.43 -28.36
N ASN A 128 -0.55 -2.58 -28.03
CA ASN A 128 -1.83 -2.60 -27.32
C ASN A 128 -1.72 -3.54 -26.15
N CYS A 129 -2.49 -3.26 -25.13
CA CYS A 129 -2.67 -4.22 -24.05
C CYS A 129 -3.59 -5.33 -24.53
N ILE A 130 -3.17 -6.59 -24.41
CA ILE A 130 -4.03 -7.69 -24.89
C ILE A 130 -4.70 -8.48 -23.77
N ALA A 131 -4.29 -8.22 -22.52
CA ALA A 131 -4.90 -8.88 -21.36
C ALA A 131 -4.59 -8.14 -20.06
N ILE A 132 -5.58 -8.02 -19.18
CA ILE A 132 -5.36 -7.48 -17.85
C ILE A 132 -5.73 -8.57 -16.86
N LEU A 133 -4.74 -9.01 -16.08
CA LEU A 133 -4.90 -10.12 -15.16
C LEU A 133 -5.19 -9.54 -13.81
N THR A 134 -6.40 -9.77 -13.32
CA THR A 134 -6.83 -9.18 -12.07
C THR A 134 -7.14 -10.27 -11.07
N GLY A 135 -7.01 -9.94 -9.79
CA GLY A 135 -7.38 -10.88 -8.75
C GLY A 135 -6.60 -10.63 -7.47
N HIS A 136 -5.36 -10.14 -7.59
CA HIS A 136 -4.57 -9.79 -6.40
C HIS A 136 -5.25 -8.65 -5.65
N SER A 137 -5.13 -8.62 -4.32
CA SER A 137 -5.78 -7.58 -3.54
C SER A 137 -4.81 -6.53 -2.99
N HIS A 138 -3.62 -6.43 -3.58
CA HIS A 138 -2.62 -5.47 -3.13
C HIS A 138 -1.63 -5.42 -4.27
N TYR A 139 -0.53 -4.68 -4.12
CA TYR A 139 0.43 -4.47 -5.20
C TYR A 139 0.92 -5.79 -5.71
N VAL A 140 1.14 -5.87 -7.00
CA VAL A 140 1.76 -7.07 -7.55
C VAL A 140 3.23 -6.71 -7.72
N MET A 141 4.09 -7.34 -6.91
CA MET A 141 5.49 -6.96 -6.83
C MET A 141 6.36 -7.65 -7.87
N CYS A 142 5.82 -8.68 -8.52
CA CYS A 142 6.61 -9.45 -9.48
C CYS A 142 5.69 -10.30 -10.30
N ALA A 143 6.09 -10.54 -11.55
CA ALA A 143 5.41 -11.49 -12.44
C ALA A 143 6.47 -12.02 -13.41
N ALA A 144 6.31 -13.25 -13.86
CA ALA A 144 7.26 -13.83 -14.80
C ALA A 144 6.55 -14.81 -15.69
N PHE A 145 6.98 -14.89 -16.96
CA PHE A 145 6.48 -15.92 -17.89
C PHE A 145 7.14 -17.25 -17.58
N HIS A 146 6.43 -18.35 -17.77
CA HIS A 146 7.04 -19.68 -17.64
C HIS A 146 8.00 -19.88 -18.83
N PRO A 147 9.12 -20.59 -18.62
CA PRO A 147 10.07 -20.69 -19.75
C PRO A 147 9.58 -21.50 -20.94
N SER A 148 8.53 -22.31 -20.81
CA SER A 148 8.04 -23.10 -21.96
C SER A 148 6.53 -23.13 -22.09
N GLU A 149 5.82 -23.18 -20.96
CA GLU A 149 4.36 -23.30 -20.97
C GLU A 149 3.63 -21.95 -20.95
N ASP A 150 2.36 -21.94 -21.37
CA ASP A 150 1.54 -20.73 -21.31
C ASP A 150 1.03 -20.46 -19.89
N LEU A 151 1.97 -20.17 -19.00
CA LEU A 151 1.67 -19.85 -17.62
C LEU A 151 2.42 -18.59 -17.23
N ILE A 152 1.92 -17.90 -16.20
CA ILE A 152 2.60 -16.79 -15.60
C ILE A 152 2.57 -17.05 -14.09
N VAL A 153 3.59 -16.60 -13.38
CA VAL A 153 3.55 -16.62 -11.90
C VAL A 153 3.70 -15.20 -11.39
N SER A 154 2.96 -14.85 -10.33
CA SER A 154 3.03 -13.52 -9.76
C SER A 154 3.09 -13.58 -8.24
N ALA A 155 3.57 -12.49 -7.62
CA ALA A 155 3.75 -12.38 -6.18
C ALA A 155 3.21 -11.01 -5.75
N SER A 156 2.53 -10.99 -4.62
CA SER A 156 1.86 -9.77 -4.19
C SER A 156 1.98 -9.55 -2.71
N LEU A 157 1.85 -8.29 -2.29
CA LEU A 157 1.79 -7.96 -0.88
C LEU A 157 0.48 -8.43 -0.26
N ASP A 158 -0.41 -9.02 -1.04
CA ASP A 158 -1.61 -9.64 -0.46
C ASP A 158 -1.28 -11.01 0.13
N GLN A 159 0.02 -11.35 0.13
CA GLN A 159 0.60 -12.54 0.77
C GLN A 159 0.46 -13.81 -0.08
N THR A 160 0.00 -13.67 -1.32
CA THR A 160 -0.17 -14.83 -2.19
C THR A 160 0.79 -14.83 -3.37
N VAL A 161 1.08 -16.04 -3.85
CA VAL A 161 1.71 -16.27 -5.14
C VAL A 161 0.60 -16.91 -5.97
N ARG A 162 0.44 -16.46 -7.20
CA ARG A 162 -0.58 -17.01 -8.06
C ARG A 162 0.03 -17.48 -9.35
N VAL A 163 -0.51 -18.57 -9.90
CA VAL A 163 -0.06 -19.08 -11.18
C VAL A 163 -1.26 -18.93 -12.09
N TRP A 164 -1.03 -18.35 -13.29
CA TRP A 164 -2.09 -17.93 -14.18
C TRP A 164 -1.97 -18.78 -15.44
N ASP A 165 -3.12 -19.23 -15.97
CA ASP A 165 -3.16 -19.94 -17.25
C ASP A 165 -3.47 -18.96 -18.38
N ILE A 166 -2.50 -18.73 -19.25
CA ILE A 166 -2.73 -17.84 -20.40
C ILE A 166 -2.83 -18.56 -21.76
N SER A 167 -3.15 -19.84 -21.73
CA SER A 167 -3.31 -20.58 -22.99
C SER A 167 -4.44 -20.05 -23.83
N GLY A 168 -5.53 -19.61 -23.18
CA GLY A 168 -6.64 -19.01 -23.92
C GLY A 168 -6.20 -17.80 -24.72
N LEU A 169 -5.37 -16.97 -24.11
CA LEU A 169 -4.81 -15.78 -24.76
C LEU A 169 -4.04 -16.17 -25.99
N ARG A 170 -3.13 -17.14 -25.82
CA ARG A 170 -2.11 -17.43 -26.83
C ARG A 170 -2.70 -17.81 -28.18
N ALA A 200 -12.46 -15.97 -20.92
CA ALA A 200 -11.47 -16.14 -19.86
C ALA A 200 -10.74 -17.52 -19.96
N ASP A 201 -9.47 -17.63 -20.43
CA ASP A 201 -8.59 -16.76 -21.28
C ASP A 201 -7.22 -16.32 -20.70
N ALA A 202 -7.26 -15.48 -19.66
CA ALA A 202 -6.12 -15.37 -18.74
C ALA A 202 -6.70 -15.46 -17.34
N ILE A 203 -6.59 -16.62 -16.73
CA ILE A 203 -7.31 -16.92 -15.50
C ILE A 203 -6.34 -17.49 -14.49
N VAL A 204 -6.58 -17.24 -13.20
CA VAL A 204 -5.75 -17.86 -12.19
C VAL A 204 -5.97 -19.38 -12.15
N LYS A 205 -4.87 -20.12 -12.18
CA LYS A 205 -4.92 -21.55 -12.04
C LYS A 205 -4.78 -21.96 -10.58
N PHE A 206 -3.73 -21.45 -9.90
CA PHE A 206 -3.51 -21.78 -8.48
C PHE A 206 -3.28 -20.52 -7.64
N VAL A 207 -3.87 -20.49 -6.44
CA VAL A 207 -3.58 -19.42 -5.51
C VAL A 207 -2.76 -20.07 -4.41
N LEU A 208 -1.49 -19.68 -4.31
CA LEU A 208 -0.59 -20.33 -3.36
C LEU A 208 -0.47 -19.52 -2.09
N GLU A 209 -1.01 -20.07 -1.00
CA GLU A 209 -0.95 -19.41 0.29
C GLU A 209 0.10 -20.11 1.13
N GLY A 210 0.77 -19.35 1.97
CA GLY A 210 1.89 -19.91 2.71
C GLY A 210 2.67 -18.81 3.39
N HIS A 211 3.02 -17.77 2.64
CA HIS A 211 3.74 -16.66 3.24
C HIS A 211 2.78 -15.99 4.25
N ASP A 212 3.27 -15.60 5.42
CA ASP A 212 2.39 -14.93 6.37
C ASP A 212 2.62 -13.41 6.29
N ARG A 213 3.43 -12.99 5.32
CA ARG A 213 3.57 -11.54 5.04
C ARG A 213 3.55 -11.38 3.52
N GLY A 214 3.60 -10.13 3.05
CA GLY A 214 3.64 -9.85 1.61
C GLY A 214 4.77 -10.55 0.89
N VAL A 215 4.54 -10.88 -0.39
CA VAL A 215 5.56 -11.55 -1.20
C VAL A 215 6.16 -10.55 -2.20
N ASN A 216 7.48 -10.54 -2.31
CA ASN A 216 8.18 -9.53 -3.09
C ASN A 216 8.62 -10.04 -4.43
N TRP A 217 8.77 -11.36 -4.57
CA TRP A 217 9.37 -11.89 -5.80
C TRP A 217 8.96 -13.33 -6.00
N CYS A 218 8.96 -13.76 -7.25
CA CYS A 218 8.65 -15.13 -7.61
C CYS A 218 9.42 -15.51 -8.88
N ALA A 219 9.80 -16.77 -9.00
CA ALA A 219 10.59 -17.14 -10.17
C ALA A 219 10.34 -18.59 -10.49
N PHE A 220 10.39 -18.93 -11.78
CA PHE A 220 10.32 -20.32 -12.24
C PHE A 220 11.72 -20.90 -12.39
N HIS A 221 11.84 -22.21 -12.22
CA HIS A 221 13.07 -22.94 -12.52
C HIS A 221 13.12 -23.07 -14.05
N PRO A 222 14.33 -23.08 -14.65
CA PRO A 222 14.43 -23.18 -16.11
C PRO A 222 13.76 -24.42 -16.71
N THR A 223 13.82 -25.56 -16.03
CA THR A 223 13.32 -26.79 -16.66
C THR A 223 12.33 -27.61 -15.82
N LEU A 224 12.41 -27.51 -14.50
CA LEU A 224 11.56 -28.29 -13.61
C LEU A 224 10.31 -27.51 -13.17
N PRO A 225 9.23 -28.22 -12.82
CA PRO A 225 8.00 -27.55 -12.38
C PRO A 225 8.10 -27.01 -10.94
N LEU A 226 9.06 -26.10 -10.70
CA LEU A 226 9.30 -25.55 -9.38
C LEU A 226 9.22 -24.04 -9.42
N ILE A 227 8.67 -23.47 -8.36
CA ILE A 227 8.58 -22.05 -8.19
C ILE A 227 9.34 -21.64 -6.91
N LEU A 228 9.94 -20.46 -6.91
CA LEU A 228 10.58 -19.91 -5.74
C LEU A 228 9.92 -18.57 -5.48
N SER A 229 9.70 -18.23 -4.23
CA SER A 229 9.12 -16.92 -3.90
C SER A 229 9.85 -16.38 -2.68
N ALA A 230 9.83 -15.06 -2.49
CA ALA A 230 10.54 -14.42 -1.38
C ALA A 230 9.70 -13.29 -0.82
N GLY A 231 9.61 -13.18 0.49
CA GLY A 231 8.74 -12.21 1.10
C GLY A 231 9.25 -11.39 2.28
N ASP A 232 8.37 -10.51 2.76
CA ASP A 232 8.67 -9.69 3.92
C ASP A 232 8.61 -10.51 5.20
N ASP A 233 8.33 -11.81 5.08
CA ASP A 233 8.42 -12.67 6.27
C ASP A 233 9.86 -13.16 6.53
N ARG A 234 10.79 -12.71 5.68
CA ARG A 234 12.22 -13.08 5.72
C ARG A 234 12.48 -14.51 5.22
N LEU A 235 11.51 -15.09 4.52
CA LEU A 235 11.62 -16.47 4.05
C LEU A 235 11.69 -16.58 2.53
N VAL A 236 12.37 -17.61 2.05
CA VAL A 236 12.30 -18.01 0.65
C VAL A 236 11.55 -19.35 0.67
N LYS A 237 10.52 -19.49 -0.15
CA LYS A 237 9.77 -20.74 -0.19
C LYS A 237 9.93 -21.40 -1.55
N LEU A 238 9.95 -22.73 -1.55
CA LEU A 238 9.97 -23.51 -2.78
C LEU A 238 8.62 -24.22 -2.97
N TRP A 239 8.05 -24.11 -4.17
CA TRP A 239 6.76 -24.74 -4.47
C TRP A 239 6.89 -25.67 -5.67
N ARG A 240 6.04 -26.69 -5.71
CA ARG A 240 6.04 -27.62 -6.84
C ARG A 240 4.66 -27.60 -7.45
N MET A 241 4.55 -27.72 -8.77
CA MET A 241 3.26 -27.80 -9.41
C MET A 241 3.13 -29.01 -10.33
N THR A 242 1.88 -29.47 -10.53
CA THR A 242 1.57 -30.51 -11.50
C THR A 242 0.44 -29.93 -12.36
N ALA A 243 -0.16 -30.75 -13.21
CA ALA A 243 -1.26 -30.24 -14.05
C ALA A 243 -2.49 -29.87 -13.23
N SER A 244 -2.67 -30.55 -12.11
CA SER A 244 -3.90 -30.37 -11.37
C SER A 244 -3.71 -29.65 -10.03
N LYS A 245 -2.47 -29.57 -9.55
CA LYS A 245 -2.27 -29.01 -8.22
C LYS A 245 -0.87 -28.44 -8.02
N ALA A 246 -0.74 -27.60 -6.99
CA ALA A 246 0.52 -26.94 -6.66
C ALA A 246 0.59 -26.83 -5.14
N TRP A 247 1.77 -27.02 -4.57
CA TRP A 247 1.86 -26.99 -3.10
C TRP A 247 3.24 -26.54 -2.63
N GLU A 248 3.33 -26.14 -1.37
CA GLU A 248 4.58 -25.69 -0.78
C GLU A 248 5.48 -26.87 -0.42
N VAL A 249 6.72 -26.84 -0.90
CA VAL A 249 7.68 -27.91 -0.65
C VAL A 249 8.49 -27.65 0.63
N ASP A 250 9.16 -26.51 0.72
CA ASP A 250 10.01 -26.21 1.87
C ASP A 250 10.36 -24.72 1.91
N THR A 251 11.19 -24.34 2.89
CA THR A 251 11.44 -22.94 3.21
C THR A 251 12.92 -22.72 3.51
N CYS A 252 13.51 -21.67 2.95
CA CYS A 252 14.89 -21.31 3.36
C CYS A 252 14.82 -20.26 4.45
N ARG A 253 15.30 -20.60 5.64
CA ARG A 253 15.27 -19.68 6.78
C ARG A 253 16.66 -19.14 7.09
N GLY A 254 16.76 -17.83 7.28
CA GLY A 254 18.02 -17.25 7.69
C GLY A 254 18.19 -15.76 7.44
N HIS A 255 17.50 -15.24 6.43
CA HIS A 255 17.55 -13.79 6.20
C HIS A 255 16.99 -13.13 7.45
N PHE A 256 17.49 -11.96 7.84
CA PHE A 256 16.94 -11.25 9.00
C PHE A 256 16.27 -9.92 8.64
N ASN A 257 15.84 -9.79 7.38
CA ASN A 257 15.04 -8.65 6.94
C ASN A 257 14.32 -9.06 5.65
N ASN A 258 13.52 -8.16 5.07
CA ASN A 258 12.74 -8.48 3.88
C ASN A 258 13.60 -9.09 2.79
N VAL A 259 13.15 -10.19 2.22
CA VAL A 259 13.84 -10.76 1.06
C VAL A 259 13.29 -10.09 -0.20
N SER A 260 14.19 -9.48 -0.99
CA SER A 260 13.76 -8.72 -2.18
C SER A 260 13.65 -9.51 -3.46
N CYS A 261 14.43 -10.58 -3.58
CA CYS A 261 14.55 -11.26 -4.88
C CYS A 261 15.14 -12.63 -4.66
N CYS A 262 14.85 -13.54 -5.59
CA CYS A 262 15.31 -14.93 -5.48
C CYS A 262 15.31 -15.57 -6.86
N LEU A 263 16.20 -16.52 -7.07
CA LEU A 263 16.27 -17.19 -8.37
C LEU A 263 16.86 -18.59 -8.22
N PHE A 264 16.64 -19.42 -9.23
CA PHE A 264 17.27 -20.74 -9.30
C PHE A 264 18.61 -20.63 -10.02
N HIS A 265 19.67 -21.18 -9.44
CA HIS A 265 20.96 -21.23 -10.16
C HIS A 265 20.70 -22.16 -11.32
N PRO A 266 21.00 -21.71 -12.55
CA PRO A 266 20.61 -22.55 -13.70
C PRO A 266 21.50 -23.76 -14.01
N HIS A 267 22.65 -23.87 -13.37
CA HIS A 267 23.59 -24.94 -13.71
C HIS A 267 24.06 -25.74 -12.50
N GLN A 268 23.53 -25.40 -11.32
CA GLN A 268 23.79 -26.17 -10.10
C GLN A 268 22.51 -26.26 -9.30
N GLU A 269 22.41 -27.26 -8.43
CA GLU A 269 21.22 -27.42 -7.61
C GLU A 269 21.29 -26.44 -6.43
N LEU A 270 21.12 -25.16 -6.76
CA LEU A 270 21.25 -24.10 -5.77
C LEU A 270 20.15 -23.07 -5.95
N ILE A 271 19.82 -22.41 -4.85
CA ILE A 271 18.87 -21.29 -4.80
C ILE A 271 19.69 -20.06 -4.39
N LEU A 272 19.46 -18.92 -5.02
CA LEU A 272 20.07 -17.63 -4.62
C LEU A 272 18.98 -16.66 -4.19
N SER A 273 19.24 -15.94 -3.10
CA SER A 273 18.32 -14.91 -2.60
C SER A 273 19.07 -13.65 -2.25
N ALA A 274 18.35 -12.53 -2.21
CA ALA A 274 18.95 -11.22 -1.95
C ALA A 274 17.99 -10.38 -1.10
N SER A 275 18.52 -9.65 -0.12
CA SER A 275 17.66 -9.16 0.94
C SER A 275 18.06 -7.76 1.41
N GLU A 276 17.12 -7.04 2.01
CA GLU A 276 17.42 -5.80 2.69
C GLU A 276 18.30 -6.00 3.93
N ASP A 277 18.57 -7.26 4.33
CA ASP A 277 19.51 -7.48 5.44
C ASP A 277 20.96 -7.32 5.00
N LYS A 278 21.12 -6.86 3.76
CA LYS A 278 22.40 -6.56 3.15
C LYS A 278 23.20 -7.80 2.74
N THR A 279 22.52 -8.92 2.54
CA THR A 279 23.20 -10.15 2.14
C THR A 279 22.65 -10.77 0.86
N ILE A 280 23.51 -11.51 0.17
CA ILE A 280 23.10 -12.46 -0.86
C ILE A 280 23.37 -13.82 -0.26
N ARG A 281 22.38 -14.70 -0.32
CA ARG A 281 22.56 -16.02 0.24
C ARG A 281 22.41 -17.08 -0.81
N VAL A 282 23.24 -18.12 -0.67
CA VAL A 282 23.16 -19.30 -1.54
C VAL A 282 22.67 -20.47 -0.69
N TRP A 283 21.72 -21.24 -1.22
CA TRP A 283 21.17 -22.37 -0.45
C TRP A 283 21.14 -23.64 -1.28
N ASP A 284 21.15 -24.80 -0.62
CA ASP A 284 21.04 -26.07 -1.34
C ASP A 284 19.60 -26.33 -1.80
N LEU A 285 19.41 -26.63 -3.08
CA LEU A 285 18.06 -26.77 -3.66
C LEU A 285 17.27 -27.96 -3.10
N ASN A 286 17.98 -29.05 -2.85
CA ASN A 286 17.36 -30.29 -2.37
C ASN A 286 17.12 -30.36 -0.86
N ARG A 287 18.03 -29.76 -0.08
CA ARG A 287 17.96 -29.81 1.37
C ARG A 287 17.49 -28.49 2.00
N ARG A 288 17.53 -27.40 1.21
CA ARG A 288 17.23 -26.03 1.65
C ARG A 288 18.14 -25.49 2.76
N THR A 289 19.32 -26.07 2.87
CA THR A 289 20.23 -25.61 3.90
C THR A 289 21.16 -24.51 3.36
N ALA A 290 21.61 -23.63 4.26
CA ALA A 290 22.52 -22.54 3.90
C ALA A 290 23.85 -23.08 3.37
N VAL A 291 24.31 -22.50 2.26
CA VAL A 291 25.56 -22.92 1.63
C VAL A 291 26.61 -21.82 1.77
N GLN A 292 26.19 -20.57 1.59
CA GLN A 292 27.09 -19.42 1.69
C GLN A 292 26.31 -18.12 1.85
N THR A 293 26.88 -17.19 2.59
CA THR A 293 26.32 -15.84 2.72
C THR A 293 27.38 -14.81 2.29
N PHE A 294 26.98 -13.86 1.45
CA PHE A 294 27.83 -12.75 1.09
C PHE A 294 27.16 -11.47 1.57
N ARG A 295 27.95 -10.55 2.11
CA ARG A 295 27.42 -9.46 2.89
C ARG A 295 28.07 -8.16 2.42
N ARG A 296 27.30 -7.07 2.34
CA ARG A 296 27.87 -5.74 2.15
C ARG A 296 27.64 -4.93 3.43
N ALA A 297 28.60 -4.08 3.79
CA ALA A 297 28.50 -3.36 5.06
C ALA A 297 27.33 -2.35 5.12
N ASN A 298 27.08 -1.62 4.04
CA ASN A 298 26.15 -0.50 4.07
C ASN A 298 24.96 -0.58 3.12
N ASP A 299 24.91 -1.61 2.30
CA ASP A 299 23.96 -1.59 1.16
C ASP A 299 22.87 -2.65 1.20
N ARG A 300 21.61 -2.22 1.20
CA ARG A 300 20.51 -3.18 1.08
C ARG A 300 20.55 -3.73 -0.33
N PHE A 301 20.16 -5.00 -0.53
CA PHE A 301 20.03 -5.54 -1.89
C PHE A 301 18.58 -5.50 -2.36
N TRP A 302 18.39 -5.15 -3.63
CA TRP A 302 17.06 -5.01 -4.17
C TRP A 302 16.74 -6.03 -5.24
N PHE A 303 17.77 -6.58 -5.88
CA PHE A 303 17.53 -7.38 -7.09
C PHE A 303 18.75 -8.21 -7.44
N ILE A 304 18.53 -9.43 -7.94
CA ILE A 304 19.62 -10.26 -8.48
C ILE A 304 19.13 -10.94 -9.74
N THR A 305 20.06 -11.24 -10.64
CA THR A 305 19.70 -11.89 -11.90
C THR A 305 20.90 -12.74 -12.32
N VAL A 306 20.63 -13.72 -13.18
CA VAL A 306 21.64 -14.59 -13.75
C VAL A 306 21.66 -14.37 -15.25
N HIS A 307 22.83 -14.48 -15.86
CA HIS A 307 22.93 -14.31 -17.30
C HIS A 307 22.32 -15.52 -18.00
N PRO A 308 21.58 -15.31 -19.11
CA PRO A 308 20.89 -16.42 -19.81
C PRO A 308 21.82 -17.51 -20.38
N LYS A 309 23.11 -17.25 -20.53
CA LYS A 309 24.02 -18.21 -21.20
C LYS A 309 25.39 -18.34 -20.54
N LEU A 310 25.67 -17.47 -19.58
CA LEU A 310 26.93 -17.54 -18.82
C LEU A 310 26.65 -17.77 -17.34
N ASN A 311 27.66 -18.23 -16.60
CA ASN A 311 27.50 -18.32 -15.16
C ASN A 311 27.93 -17.01 -14.54
N LEU A 312 27.13 -16.00 -14.83
CA LEU A 312 27.43 -14.65 -14.39
C LEU A 312 26.16 -14.14 -13.72
N PHE A 313 26.32 -13.46 -12.60
CA PHE A 313 25.19 -12.92 -11.82
C PHE A 313 25.36 -11.43 -11.66
N ALA A 314 24.27 -10.74 -11.35
CA ALA A 314 24.36 -9.30 -11.14
C ALA A 314 23.44 -9.00 -9.97
N ALA A 315 23.84 -8.05 -9.13
CA ALA A 315 22.96 -7.61 -8.04
C ALA A 315 22.84 -6.10 -8.03
N ALA A 316 21.65 -5.58 -7.75
CA ALA A 316 21.50 -4.12 -7.57
C ALA A 316 21.35 -3.84 -6.10
N HIS A 317 22.01 -2.79 -5.61
CA HIS A 317 21.92 -2.44 -4.21
C HIS A 317 21.91 -0.92 -4.03
N ASP A 318 21.92 -0.46 -2.78
CA ASP A 318 21.79 0.97 -2.46
C ASP A 318 22.91 1.84 -3.04
N SER A 319 24.01 1.22 -3.48
CA SER A 319 25.15 1.97 -4.00
C SER A 319 25.56 1.63 -5.41
N GLY A 320 24.69 0.95 -6.14
CA GLY A 320 25.01 0.60 -7.51
C GLY A 320 24.80 -0.86 -7.79
N VAL A 321 25.61 -1.39 -8.70
CA VAL A 321 25.39 -2.73 -9.24
C VAL A 321 26.72 -3.46 -9.21
N MET A 322 26.69 -4.78 -9.02
CA MET A 322 27.86 -5.61 -9.17
C MET A 322 27.56 -6.80 -10.09
N VAL A 323 28.53 -7.17 -10.92
CA VAL A 323 28.47 -8.41 -11.69
C VAL A 323 29.53 -9.34 -11.09
N PHE A 324 29.18 -10.61 -10.88
CA PHE A 324 30.10 -11.49 -10.17
C PHE A 324 29.95 -12.93 -10.60
N LYS A 325 31.00 -13.73 -10.38
CA LYS A 325 30.89 -15.18 -10.53
C LYS A 325 30.90 -15.81 -9.15
N LEU A 326 30.42 -17.05 -9.06
CA LEU A 326 30.50 -17.81 -7.80
C LEU A 326 31.41 -19.03 -7.96
N GLU A 327 32.46 -19.10 -7.14
CA GLU A 327 33.50 -20.14 -7.26
C GLU A 327 34.21 -20.13 -8.61
N MET B 1 -11.46 14.26 -13.93
CA MET B 1 -11.38 13.05 -13.11
C MET B 1 -12.72 12.34 -13.07
N ALA B 2 -12.66 11.02 -13.25
CA ALA B 2 -13.84 10.19 -13.17
C ALA B 2 -13.75 9.34 -11.90
N MET B 3 -14.90 8.90 -11.43
CA MET B 3 -14.93 7.97 -10.33
C MET B 3 -15.26 6.60 -10.90
N LEU B 4 -14.45 5.60 -10.57
CA LEU B 4 -14.66 4.24 -11.05
C LEU B 4 -15.11 3.43 -9.84
N THR B 5 -16.41 3.18 -9.78
CA THR B 5 -17.01 2.50 -8.64
C THR B 5 -16.73 0.99 -8.70
N LYS B 6 -16.12 0.46 -7.65
CA LYS B 6 -15.77 -0.96 -7.65
C LYS B 6 -16.83 -1.80 -6.90
N PHE B 7 -17.50 -1.17 -5.95
CA PHE B 7 -18.41 -1.90 -5.08
C PHE B 7 -19.36 -0.91 -4.41
N GLU B 8 -20.63 -1.26 -4.27
CA GLU B 8 -21.55 -0.48 -3.43
C GLU B 8 -22.40 -1.43 -2.58
N SER B 9 -22.67 -1.02 -1.34
CA SER B 9 -23.64 -1.73 -0.52
C SER B 9 -24.85 -0.85 -0.44
N ARG B 10 -26.04 -1.45 -0.51
CA ARG B 10 -27.28 -0.74 -0.20
C ARG B 10 -27.67 -1.09 1.24
N SER B 11 -27.82 -0.08 2.08
CA SER B 11 -28.13 -0.28 3.49
C SER B 11 -28.73 0.96 4.09
N SER B 12 -29.09 0.86 5.36
CA SER B 12 -29.46 2.05 6.09
C SER B 12 -28.17 2.82 6.34
N ARG B 13 -28.31 4.08 6.75
CA ARG B 13 -27.18 5.01 6.85
C ARG B 13 -25.89 4.41 7.42
N ALA B 14 -24.81 4.54 6.66
CA ALA B 14 -23.49 4.12 7.10
C ALA B 14 -22.79 5.30 7.73
N LYS B 15 -22.05 5.04 8.81
CA LYS B 15 -21.29 6.12 9.47
C LYS B 15 -19.79 5.96 9.37
N GLY B 16 -19.27 4.75 9.26
CA GLY B 16 -17.82 4.60 9.26
C GLY B 16 -17.41 3.44 8.40
N VAL B 17 -16.18 3.46 7.88
CA VAL B 17 -15.70 2.43 6.98
C VAL B 17 -14.22 2.26 7.24
N ALA B 18 -13.73 1.03 7.21
CA ALA B 18 -12.31 0.84 7.46
C ALA B 18 -11.83 -0.17 6.42
N PHE B 19 -10.73 0.11 5.72
CA PHE B 19 -10.12 -0.87 4.81
C PHE B 19 -9.20 -1.82 5.57
N HIS B 20 -9.31 -3.12 5.28
CA HIS B 20 -8.32 -4.08 5.74
C HIS B 20 -7.03 -3.83 4.98
N PRO B 21 -5.90 -3.95 5.66
CA PRO B 21 -4.61 -3.66 5.01
C PRO B 21 -4.15 -4.61 3.86
N THR B 22 -4.61 -5.87 3.84
CA THR B 22 -4.15 -6.84 2.81
C THR B 22 -5.27 -7.63 2.11
N GLN B 23 -6.32 -7.96 2.85
CA GLN B 23 -7.50 -8.60 2.24
C GLN B 23 -8.40 -7.56 1.55
N PRO B 24 -9.18 -7.96 0.53
CA PRO B 24 -10.04 -6.99 -0.14
C PRO B 24 -11.33 -6.83 0.64
N TRP B 25 -11.21 -6.40 1.89
CA TRP B 25 -12.37 -6.24 2.77
C TRP B 25 -12.53 -4.82 3.29
N ILE B 26 -13.78 -4.44 3.56
CA ILE B 26 -14.07 -3.24 4.34
C ILE B 26 -14.99 -3.64 5.47
N LEU B 27 -14.84 -2.98 6.62
CA LEU B 27 -15.82 -3.06 7.68
C LEU B 27 -16.64 -1.81 7.51
N THR B 28 -17.96 -1.90 7.66
CA THR B 28 -18.76 -0.70 7.64
C THR B 28 -19.62 -0.69 8.89
N SER B 29 -19.71 0.45 9.57
CA SER B 29 -20.52 0.53 10.78
C SER B 29 -21.72 1.43 10.51
N LEU B 30 -22.89 1.00 10.98
CA LEU B 30 -24.14 1.59 10.56
C LEU B 30 -24.87 2.29 11.69
N HIS B 31 -25.72 3.22 11.29
CA HIS B 31 -26.54 3.98 12.22
C HIS B 31 -27.52 3.08 12.98
N ASN B 32 -27.82 1.90 12.43
CA ASN B 32 -28.70 0.95 13.13
C ASN B 32 -27.98 0.07 14.16
N GLY B 33 -26.68 0.27 14.33
CA GLY B 33 -25.91 -0.48 15.32
C GLY B 33 -25.17 -1.72 14.80
N ARG B 34 -25.37 -2.05 13.53
CA ARG B 34 -24.76 -3.26 13.01
C ARG B 34 -23.44 -2.92 12.36
N ILE B 35 -22.54 -3.90 12.33
CA ILE B 35 -21.26 -3.74 11.66
C ILE B 35 -21.23 -4.88 10.65
N GLN B 36 -20.79 -4.58 9.43
CA GLN B 36 -20.76 -5.57 8.37
C GLN B 36 -19.32 -5.69 7.90
N LEU B 37 -18.94 -6.89 7.45
CA LEU B 37 -17.65 -7.05 6.77
C LEU B 37 -17.93 -7.50 5.36
N TRP B 38 -17.50 -6.70 4.39
CA TRP B 38 -17.77 -6.92 2.99
C TRP B 38 -16.48 -7.28 2.28
N ASP B 39 -16.55 -8.25 1.37
CA ASP B 39 -15.46 -8.48 0.40
C ASP B 39 -15.80 -7.66 -0.86
N TYR B 40 -15.09 -6.56 -1.10
CA TYR B 40 -15.41 -5.69 -2.23
C TYR B 40 -14.87 -6.22 -3.57
N ARG B 41 -14.09 -7.29 -3.58
CA ARG B 41 -13.73 -7.84 -4.88
C ARG B 41 -14.72 -8.88 -5.37
N MET B 42 -15.34 -9.63 -4.46
CA MET B 42 -16.41 -10.56 -4.82
C MET B 42 -17.82 -9.99 -4.62
N GLY B 43 -17.94 -8.87 -3.89
CA GLY B 43 -19.24 -8.25 -3.65
C GLY B 43 -20.11 -9.00 -2.66
N THR B 44 -19.46 -9.66 -1.70
CA THR B 44 -20.12 -10.55 -0.76
C THR B 44 -20.03 -10.04 0.66
N LEU B 45 -21.08 -10.29 1.43
CA LEU B 45 -21.08 -9.94 2.83
C LEU B 45 -20.47 -11.13 3.57
N LEU B 46 -19.32 -10.94 4.21
CA LEU B 46 -18.59 -12.04 4.84
C LEU B 46 -19.09 -12.31 6.24
N ASP B 47 -19.47 -11.26 6.96
CA ASP B 47 -19.83 -11.39 8.37
C ASP B 47 -20.66 -10.18 8.84
N ARG B 48 -21.56 -10.41 9.81
CA ARG B 48 -22.26 -9.34 10.52
C ARG B 48 -21.82 -9.42 11.97
N PHE B 49 -21.51 -8.29 12.59
CA PHE B 49 -21.19 -8.22 14.02
C PHE B 49 -22.21 -7.36 14.76
N ASP B 50 -22.99 -7.97 15.64
CA ASP B 50 -23.98 -7.22 16.42
C ASP B 50 -23.62 -7.22 17.91
N GLY B 51 -23.07 -6.09 18.40
CA GLY B 51 -22.76 -5.95 19.81
C GLY B 51 -22.95 -4.54 20.34
N HIS B 52 -23.59 -3.66 19.56
CA HIS B 52 -23.87 -2.31 20.02
C HIS B 52 -25.37 -2.03 20.02
N ASP B 53 -25.80 -1.11 20.87
CA ASP B 53 -27.16 -0.60 20.77
C ASP B 53 -27.11 0.85 20.34
N GLY B 54 -27.74 1.15 19.21
CA GLY B 54 -27.72 2.49 18.65
C GLY B 54 -26.57 2.61 17.67
N PRO B 55 -26.41 3.81 17.09
CA PRO B 55 -25.42 3.99 16.02
C PRO B 55 -23.99 3.53 16.40
N VAL B 56 -23.27 3.00 15.42
CA VAL B 56 -21.84 2.76 15.55
C VAL B 56 -21.08 3.70 14.61
N ARG B 57 -20.41 4.69 15.21
CA ARG B 57 -19.73 5.72 14.44
C ARG B 57 -18.28 5.41 14.16
N GLY B 58 -17.61 4.72 15.09
CA GLY B 58 -16.20 4.43 14.96
C GLY B 58 -15.92 2.98 14.57
N ILE B 59 -14.95 2.76 13.68
CA ILE B 59 -14.62 1.40 13.29
C ILE B 59 -13.24 1.46 12.67
N ALA B 60 -12.37 0.51 13.02
CA ALA B 60 -11.02 0.46 12.47
C ALA B 60 -10.42 -0.93 12.62
N PHE B 61 -9.58 -1.33 11.67
CA PHE B 61 -8.83 -2.57 11.80
C PHE B 61 -7.52 -2.30 12.54
N HIS B 62 -7.06 -3.32 13.26
CA HIS B 62 -5.69 -3.31 13.74
C HIS B 62 -4.78 -3.48 12.51
N PRO B 63 -3.59 -2.88 12.52
CA PRO B 63 -2.78 -2.92 11.29
C PRO B 63 -2.18 -4.28 10.99
N THR B 64 -2.07 -5.19 11.96
CA THR B 64 -1.39 -6.47 11.72
C THR B 64 -2.07 -7.72 12.32
N GLN B 65 -2.79 -7.53 13.42
CA GLN B 65 -3.45 -8.64 14.09
C GLN B 65 -4.89 -8.73 13.62
N PRO B 66 -5.56 -9.89 13.83
CA PRO B 66 -6.92 -10.00 13.28
C PRO B 66 -7.98 -9.43 14.22
N ILE B 67 -7.80 -8.16 14.52
CA ILE B 67 -8.66 -7.49 15.49
C ILE B 67 -9.31 -6.27 14.83
N PHE B 68 -10.51 -5.87 15.29
CA PHE B 68 -10.96 -4.53 14.95
C PHE B 68 -11.59 -3.90 16.13
N VAL B 69 -11.75 -2.59 16.06
CA VAL B 69 -12.36 -1.88 17.17
C VAL B 69 -13.56 -1.10 16.66
N SER B 70 -14.61 -1.01 17.49
CA SER B 70 -15.78 -0.23 17.16
C SER B 70 -16.20 0.61 18.33
N GLY B 71 -16.93 1.69 18.05
CA GLY B 71 -17.37 2.58 19.12
C GLY B 71 -18.75 3.08 18.81
N GLY B 72 -19.61 3.11 19.83
CA GLY B 72 -21.01 3.41 19.58
C GLY B 72 -21.64 4.48 20.45
N ASP B 73 -22.89 4.77 20.14
CA ASP B 73 -23.66 5.71 20.93
C ASP B 73 -24.02 5.08 22.28
N ASP B 74 -23.75 3.79 22.44
CA ASP B 74 -23.91 3.14 23.74
C ASP B 74 -22.68 3.37 24.66
N TYR B 75 -21.79 4.25 24.21
CA TYR B 75 -20.59 4.70 24.96
C TYR B 75 -19.47 3.66 25.01
N LYS B 76 -19.69 2.48 24.44
CA LYS B 76 -18.67 1.42 24.52
C LYS B 76 -17.64 1.50 23.40
N VAL B 77 -16.40 1.18 23.74
CA VAL B 77 -15.37 0.92 22.74
C VAL B 77 -15.12 -0.60 22.79
N ASN B 78 -15.60 -1.32 21.77
CA ASN B 78 -15.49 -2.78 21.75
C ASN B 78 -14.34 -3.28 20.88
N VAL B 79 -13.63 -4.31 21.34
CA VAL B 79 -12.56 -4.91 20.55
C VAL B 79 -12.95 -6.32 20.16
N TRP B 80 -12.85 -6.63 18.86
CA TRP B 80 -13.30 -7.90 18.30
C TRP B 80 -12.16 -8.62 17.63
N ASN B 81 -12.30 -9.93 17.47
CA ASN B 81 -11.36 -10.70 16.65
C ASN B 81 -12.14 -11.20 15.44
N TYR B 82 -11.77 -10.78 14.24
CA TYR B 82 -12.59 -11.15 13.11
C TYR B 82 -12.40 -12.61 12.69
N LYS B 83 -11.28 -13.22 13.08
CA LYS B 83 -11.06 -14.64 12.80
C LYS B 83 -11.99 -15.54 13.65
N SER B 84 -12.05 -15.30 14.95
CA SER B 84 -12.96 -16.09 15.80
C SER B 84 -14.39 -15.57 15.81
N ARG B 85 -14.61 -14.40 15.22
CA ARG B 85 -15.91 -13.73 15.25
C ARG B 85 -16.40 -13.50 16.67
N LYS B 86 -15.49 -13.18 17.58
CA LYS B 86 -15.85 -12.93 18.98
C LYS B 86 -15.65 -11.46 19.37
N LEU B 87 -16.58 -10.91 20.12
CA LEU B 87 -16.35 -9.66 20.85
C LEU B 87 -15.47 -9.97 22.06
N LEU B 88 -14.22 -9.50 22.06
CA LEU B 88 -13.26 -9.94 23.06
C LEU B 88 -13.50 -9.27 24.40
N PHE B 89 -13.82 -7.98 24.36
CA PHE B 89 -14.07 -7.19 25.56
C PHE B 89 -14.60 -5.82 25.16
N SER B 90 -15.28 -5.18 26.11
CA SER B 90 -15.71 -3.80 25.95
C SER B 90 -14.83 -2.91 26.79
N LEU B 91 -14.43 -1.78 26.24
CA LEU B 91 -13.71 -0.80 27.04
C LEU B 91 -14.71 0.29 27.46
N CYS B 92 -14.96 0.39 28.76
CA CYS B 92 -15.96 1.32 29.29
C CYS B 92 -15.31 2.48 30.01
N GLY B 93 -15.93 3.65 29.91
CA GLY B 93 -15.38 4.83 30.56
C GLY B 93 -15.92 6.09 29.95
N HIS B 94 -16.17 6.10 28.65
CA HIS B 94 -16.78 7.26 28.02
C HIS B 94 -18.19 7.45 28.57
N MET B 95 -18.64 8.72 28.64
CA MET B 95 -19.93 9.06 29.24
C MET B 95 -20.97 9.52 28.22
N ASP B 96 -20.59 9.51 26.94
CA ASP B 96 -21.51 9.93 25.89
C ASP B 96 -21.03 9.25 24.62
N TYR B 97 -21.72 9.53 23.51
CA TYR B 97 -21.49 8.84 22.24
C TYR B 97 -20.02 8.85 21.90
N VAL B 98 -19.51 7.73 21.38
CA VAL B 98 -18.13 7.67 20.85
C VAL B 98 -18.18 7.99 19.36
N ARG B 99 -17.35 8.93 18.91
CA ARG B 99 -17.38 9.40 17.52
C ARG B 99 -16.39 8.67 16.60
N VAL B 100 -15.20 8.39 17.12
CA VAL B 100 -14.11 7.74 16.34
C VAL B 100 -13.32 6.80 17.22
N CYS B 101 -12.76 5.74 16.66
CA CYS B 101 -11.78 4.93 17.39
C CYS B 101 -10.80 4.34 16.40
N THR B 102 -9.53 4.34 16.75
CA THR B 102 -8.50 3.83 15.85
C THR B 102 -7.40 3.19 16.69
N PHE B 103 -6.62 2.29 16.07
CA PHE B 103 -5.47 1.70 16.72
C PHE B 103 -4.22 2.49 16.39
N HIS B 104 -3.32 2.62 17.35
CA HIS B 104 -2.01 3.19 17.03
C HIS B 104 -1.24 2.18 16.15
N HIS B 105 -0.30 2.69 15.36
CA HIS B 105 0.46 1.82 14.45
C HIS B 105 1.56 1.01 15.13
N GLU B 106 1.96 1.37 16.34
CA GLU B 106 3.07 0.67 17.00
C GLU B 106 2.77 0.24 18.44
N TYR B 107 2.29 1.18 19.24
CA TYR B 107 1.95 0.92 20.63
C TYR B 107 0.63 0.15 20.69
N PRO B 108 0.42 -0.61 21.78
CA PRO B 108 -0.83 -1.37 21.84
C PRO B 108 -1.91 -0.44 22.36
N TRP B 109 -2.21 0.59 21.58
CA TRP B 109 -3.12 1.65 21.97
C TRP B 109 -4.29 1.80 21.04
N ILE B 110 -5.44 2.08 21.63
CA ILE B 110 -6.64 2.53 20.93
C ILE B 110 -6.91 3.98 21.36
N LEU B 111 -7.30 4.80 20.39
CA LEU B 111 -7.63 6.19 20.62
C LEU B 111 -9.14 6.32 20.39
N SER B 112 -9.87 6.97 21.27
CA SER B 112 -11.29 7.20 20.99
C SER B 112 -11.67 8.60 21.43
N CYS B 113 -12.65 9.21 20.77
CA CYS B 113 -13.11 10.51 21.26
C CYS B 113 -14.63 10.48 21.35
N SER B 114 -15.20 11.42 22.11
CA SER B 114 -16.59 11.30 22.53
C SER B 114 -17.30 12.68 22.66
N ASP B 115 -18.63 12.64 22.56
CA ASP B 115 -19.45 13.79 22.93
C ASP B 115 -19.19 14.18 24.40
N ASP B 116 -18.59 13.29 25.18
CA ASP B 116 -18.30 13.65 26.58
C ASP B 116 -17.18 14.65 26.72
N GLN B 117 -16.75 15.21 25.59
CA GLN B 117 -15.74 16.23 25.50
C GLN B 117 -14.32 15.70 25.75
N THR B 118 -14.15 14.39 25.83
CA THR B 118 -12.80 13.89 26.06
C THR B 118 -12.27 13.04 24.90
N ILE B 119 -10.97 12.84 24.93
CA ILE B 119 -10.29 11.87 24.08
C ILE B 119 -9.70 10.85 25.03
N ARG B 120 -9.96 9.56 24.81
CA ARG B 120 -9.36 8.53 25.68
C ARG B 120 -8.31 7.73 24.90
N ILE B 121 -7.21 7.41 25.57
CA ILE B 121 -6.24 6.44 25.05
C ILE B 121 -6.27 5.21 25.94
N TRP B 122 -6.47 4.05 25.33
CA TRP B 122 -6.55 2.79 26.04
C TRP B 122 -5.39 1.92 25.62
N ASN B 123 -4.89 1.15 26.58
CA ASN B 123 -3.98 0.07 26.30
C ASN B 123 -4.87 -1.15 26.07
N TRP B 124 -4.95 -1.65 24.84
CA TRP B 124 -5.93 -2.68 24.58
C TRP B 124 -5.47 -4.04 25.09
N GLN B 125 -4.17 -4.23 25.32
CA GLN B 125 -3.64 -5.49 25.88
C GLN B 125 -4.00 -5.65 27.35
N SER B 126 -3.85 -4.57 28.09
CA SER B 126 -4.13 -4.60 29.52
C SER B 126 -5.60 -4.23 29.76
N ARG B 127 -6.26 -3.77 28.69
CA ARG B 127 -7.69 -3.38 28.75
C ARG B 127 -7.99 -2.23 29.72
N ASN B 128 -7.16 -1.20 29.67
CA ASN B 128 -7.18 -0.16 30.66
C ASN B 128 -7.08 1.21 29.99
N CYS B 129 -7.92 2.16 30.41
CA CYS B 129 -7.72 3.54 29.96
C CYS B 129 -6.43 4.06 30.56
N ILE B 130 -5.50 4.54 29.73
CA ILE B 130 -4.24 5.02 30.28
C ILE B 130 -4.17 6.53 30.26
N ALA B 131 -5.11 7.15 29.56
CA ALA B 131 -5.11 8.61 29.54
C ALA B 131 -6.46 9.16 29.15
N ILE B 132 -6.85 10.24 29.83
CA ILE B 132 -8.02 11.01 29.45
C ILE B 132 -7.55 12.41 29.08
N LEU B 133 -7.73 12.77 27.81
CA LEU B 133 -7.29 14.06 27.32
C LEU B 133 -8.44 15.07 27.39
N THR B 134 -8.31 16.03 28.31
CA THR B 134 -9.35 17.00 28.57
C THR B 134 -8.90 18.37 28.09
N GLY B 135 -9.85 19.20 27.68
CA GLY B 135 -9.47 20.52 27.20
C GLY B 135 -10.51 21.04 26.22
N HIS B 136 -11.06 20.16 25.39
CA HIS B 136 -12.19 20.58 24.56
C HIS B 136 -13.38 20.92 25.45
N SER B 137 -14.22 21.84 25.01
CA SER B 137 -15.35 22.25 25.82
C SER B 137 -16.69 21.88 25.18
N HIS B 138 -16.67 20.96 24.22
CA HIS B 138 -17.89 20.50 23.56
C HIS B 138 -17.50 19.18 22.88
N TYR B 139 -18.45 18.57 22.16
CA TYR B 139 -18.26 17.22 21.62
C TYR B 139 -16.94 17.15 20.87
N VAL B 140 -16.17 16.08 21.11
CA VAL B 140 -15.01 15.80 20.25
C VAL B 140 -15.45 14.93 19.09
N MET B 141 -15.42 15.50 17.89
CA MET B 141 -16.01 14.85 16.72
C MET B 141 -15.04 13.90 16.01
N CYS B 142 -13.75 14.10 16.25
CA CYS B 142 -12.71 13.34 15.55
C CYS B 142 -11.35 13.45 16.28
N ALA B 143 -10.57 12.38 16.25
CA ALA B 143 -9.23 12.37 16.79
C ALA B 143 -8.42 11.37 15.97
N ALA B 144 -7.13 11.61 15.83
CA ALA B 144 -6.32 10.74 15.01
C ALA B 144 -4.88 10.80 15.49
N PHE B 145 -4.22 9.65 15.45
CA PHE B 145 -2.81 9.57 15.68
C PHE B 145 -2.04 10.10 14.48
N HIS B 146 -0.93 10.78 14.74
CA HIS B 146 0.00 11.08 13.67
C HIS B 146 0.69 9.78 13.26
N PRO B 147 0.97 9.61 11.96
CA PRO B 147 1.51 8.33 11.49
C PRO B 147 2.95 8.06 11.89
N SER B 148 3.68 9.10 12.33
CA SER B 148 5.12 8.99 12.59
C SER B 148 5.57 9.60 13.91
N GLU B 149 4.93 10.69 14.29
CA GLU B 149 5.35 11.48 15.43
C GLU B 149 4.41 11.21 16.59
N ASP B 150 4.87 11.44 17.82
CA ASP B 150 4.03 11.25 19.00
C ASP B 150 3.00 12.39 19.20
N LEU B 151 2.12 12.55 18.20
CA LEU B 151 1.11 13.57 18.19
C LEU B 151 -0.27 12.95 17.93
N ILE B 152 -1.33 13.61 18.43
CA ILE B 152 -2.73 13.32 18.12
C ILE B 152 -3.35 14.64 17.67
N VAL B 153 -4.21 14.63 16.65
CA VAL B 153 -4.98 15.83 16.30
C VAL B 153 -6.44 15.56 16.61
N SER B 154 -7.16 16.57 17.12
CA SER B 154 -8.59 16.40 17.38
C SER B 154 -9.40 17.60 16.89
N ALA B 155 -10.68 17.37 16.62
CA ALA B 155 -11.55 18.42 16.12
C ALA B 155 -12.80 18.43 16.97
N SER B 156 -13.31 19.62 17.30
CA SER B 156 -14.45 19.67 18.21
C SER B 156 -15.48 20.70 17.82
N LEU B 157 -16.72 20.47 18.24
CA LEU B 157 -17.80 21.42 18.02
C LEU B 157 -17.57 22.69 18.84
N ASP B 158 -16.58 22.70 19.73
CA ASP B 158 -16.21 23.95 20.41
C ASP B 158 -15.50 24.94 19.48
N GLN B 159 -15.35 24.56 18.21
CA GLN B 159 -14.79 25.39 17.13
C GLN B 159 -13.26 25.32 16.99
N THR B 160 -12.62 24.47 17.78
CA THR B 160 -11.15 24.41 17.73
C THR B 160 -10.65 23.08 17.16
N VAL B 161 -9.43 23.10 16.60
CA VAL B 161 -8.67 21.89 16.31
C VAL B 161 -7.52 21.90 17.31
N ARG B 162 -7.28 20.78 17.99
CA ARG B 162 -6.17 20.71 18.94
C ARG B 162 -5.13 19.69 18.49
N VAL B 163 -3.86 19.95 18.80
CA VAL B 163 -2.81 18.97 18.56
C VAL B 163 -2.19 18.68 19.92
N TRP B 164 -1.99 17.41 20.23
CA TRP B 164 -1.57 16.99 21.57
C TRP B 164 -0.26 16.24 21.49
N ASP B 165 0.58 16.40 22.50
CA ASP B 165 1.83 15.66 22.62
C ASP B 165 1.57 14.42 23.46
N ILE B 166 1.84 13.24 22.91
CA ILE B 166 1.69 12.00 23.67
C ILE B 166 3.03 11.35 24.01
N SER B 167 4.12 11.96 23.57
CA SER B 167 5.46 11.48 23.94
C SER B 167 5.55 11.21 25.44
N GLY B 168 5.00 12.09 26.24
CA GLY B 168 5.11 11.93 27.69
C GLY B 168 4.21 10.84 28.30
N LEU B 169 3.27 10.32 27.51
CA LEU B 169 2.42 9.23 27.99
C LEU B 169 3.20 7.97 27.74
N ARG B 170 3.78 7.93 26.55
CA ARG B 170 4.58 6.80 26.13
C ARG B 170 5.72 6.61 27.11
N MET B 171 6.30 7.70 27.59
CA MET B 171 7.41 7.65 28.54
C MET B 171 7.02 8.04 29.98
N LYS B 172 5.73 7.94 30.32
CA LYS B 172 5.19 8.33 31.64
C LYS B 172 6.03 7.78 32.79
N ASN B 173 6.45 6.52 32.68
CA ASN B 173 7.19 5.86 33.75
C ASN B 173 8.67 5.62 33.41
N ALA B 174 9.25 6.40 32.50
CA ALA B 174 10.69 6.30 32.23
C ALA B 174 11.53 6.86 33.38
N ALA B 175 12.81 6.46 33.44
CA ALA B 175 13.74 7.08 34.37
C ALA B 175 14.18 8.42 33.77
N ASP B 201 2.52 14.49 27.06
CA ASP B 201 2.54 13.86 28.39
C ASP B 201 1.31 13.33 29.16
N ALA B 202 0.10 13.20 28.57
CA ALA B 202 -0.29 13.73 27.28
C ALA B 202 -0.73 15.15 27.53
N ILE B 203 -0.30 16.08 26.69
CA ILE B 203 -0.53 17.52 26.91
C ILE B 203 -0.88 18.24 25.62
N VAL B 204 -1.78 19.23 25.67
CA VAL B 204 -2.13 19.99 24.46
C VAL B 204 -0.86 20.63 23.97
N LYS B 205 -0.69 20.67 22.65
CA LYS B 205 0.47 21.32 22.09
C LYS B 205 0.05 22.59 21.37
N PHE B 206 -1.00 22.50 20.56
CA PHE B 206 -1.57 23.65 19.88
C PHE B 206 -3.06 23.70 20.02
N VAL B 207 -3.60 24.89 20.17
CA VAL B 207 -5.02 25.09 19.91
C VAL B 207 -5.08 25.90 18.63
N LEU B 208 -5.72 25.33 17.60
CA LEU B 208 -5.79 25.95 16.28
C LEU B 208 -7.15 26.61 16.13
N GLU B 209 -7.13 27.92 15.94
CA GLU B 209 -8.36 28.67 15.84
C GLU B 209 -8.44 29.30 14.48
N GLY B 210 -9.66 29.40 13.95
CA GLY B 210 -9.87 29.85 12.58
C GLY B 210 -11.24 29.51 12.06
N HIS B 211 -11.72 28.29 12.35
CA HIS B 211 -13.10 27.95 12.03
C HIS B 211 -14.02 28.79 12.92
N ASP B 212 -15.02 29.41 12.30
CA ASP B 212 -15.94 30.25 13.06
C ASP B 212 -17.21 29.48 13.43
N ARG B 213 -17.17 28.17 13.21
CA ARG B 213 -18.27 27.26 13.54
C ARG B 213 -17.66 25.94 14.00
N GLY B 214 -18.49 24.98 14.40
CA GLY B 214 -17.99 23.70 14.88
C GLY B 214 -17.12 22.94 13.89
N VAL B 215 -16.22 22.12 14.40
CA VAL B 215 -15.36 21.34 13.52
C VAL B 215 -15.70 19.85 13.63
N ASN B 216 -15.88 19.21 12.48
CA ASN B 216 -16.35 17.83 12.42
C ASN B 216 -15.25 16.78 12.24
N TRP B 217 -14.13 17.20 11.68
CA TRP B 217 -13.14 16.23 11.24
C TRP B 217 -11.78 16.87 11.15
N CYS B 218 -10.74 16.06 11.39
CA CYS B 218 -9.37 16.52 11.24
C CYS B 218 -8.55 15.36 10.70
N ALA B 219 -7.48 15.67 9.98
CA ALA B 219 -6.60 14.65 9.41
C ALA B 219 -5.18 15.18 9.24
N PHE B 220 -4.20 14.32 9.51
CA PHE B 220 -2.82 14.64 9.20
C PHE B 220 -2.51 14.20 7.77
N HIS B 221 -1.55 14.88 7.13
CA HIS B 221 -1.00 14.39 5.87
C HIS B 221 0.01 13.30 6.22
N PRO B 222 0.14 12.27 5.39
CA PRO B 222 1.00 11.16 5.80
C PRO B 222 2.49 11.46 5.90
N THR B 223 2.99 12.48 5.18
CA THR B 223 4.43 12.76 5.18
C THR B 223 4.75 14.22 5.50
N LEU B 224 3.82 15.11 5.22
CA LEU B 224 4.03 16.54 5.39
C LEU B 224 3.47 17.04 6.72
N PRO B 225 4.05 18.11 7.27
CA PRO B 225 3.58 18.73 8.52
C PRO B 225 2.33 19.58 8.26
N LEU B 226 1.29 18.91 7.75
CA LEU B 226 0.06 19.58 7.35
C LEU B 226 -1.13 18.90 7.97
N ILE B 227 -2.15 19.68 8.26
CA ILE B 227 -3.34 19.19 8.91
C ILE B 227 -4.50 19.71 8.07
N LEU B 228 -5.55 18.90 7.97
CA LEU B 228 -6.77 19.32 7.28
C LEU B 228 -7.93 19.27 8.27
N SER B 229 -8.80 20.28 8.27
CA SER B 229 -10.01 20.23 9.12
C SER B 229 -11.27 20.56 8.30
N ALA B 230 -12.43 20.12 8.76
CA ALA B 230 -13.68 20.29 8.02
C ALA B 230 -14.76 20.70 9.02
N GLY B 231 -15.57 21.69 8.68
CA GLY B 231 -16.54 22.18 9.65
C GLY B 231 -17.93 22.53 9.18
N ASP B 232 -18.76 22.92 10.15
CA ASP B 232 -20.13 23.41 9.90
C ASP B 232 -20.13 24.82 9.33
N ASP B 233 -18.96 25.41 9.19
CA ASP B 233 -18.88 26.65 8.43
C ASP B 233 -18.82 26.34 6.93
N ARG B 234 -18.90 25.05 6.58
CA ARG B 234 -18.88 24.60 5.18
C ARG B 234 -17.51 24.73 4.56
N LEU B 235 -16.48 24.87 5.40
CA LEU B 235 -15.13 25.06 4.90
C LEU B 235 -14.24 23.85 5.16
N VAL B 236 -13.31 23.62 4.23
CA VAL B 236 -12.18 22.76 4.52
C VAL B 236 -10.97 23.67 4.68
N LYS B 237 -10.29 23.55 5.81
CA LYS B 237 -9.09 24.36 6.06
C LYS B 237 -7.81 23.54 6.05
N LEU B 238 -6.73 24.16 5.59
CA LEU B 238 -5.41 23.58 5.59
C LEU B 238 -4.52 24.31 6.61
N TRP B 239 -3.84 23.54 7.45
CA TRP B 239 -2.93 24.11 8.45
C TRP B 239 -1.55 23.50 8.27
N ARG B 240 -0.52 24.26 8.68
CA ARG B 240 0.85 23.82 8.55
C ARG B 240 1.45 23.91 9.93
N MET B 241 2.40 23.02 10.23
CA MET B 241 2.97 23.05 11.56
C MET B 241 4.48 22.86 11.51
N THR B 242 5.15 23.32 12.57
CA THR B 242 6.55 22.98 12.80
C THR B 242 6.59 22.44 14.23
N ALA B 243 7.79 22.29 14.81
CA ALA B 243 7.88 21.83 16.18
C ALA B 243 7.38 22.90 17.14
N SER B 244 7.44 24.16 16.70
CA SER B 244 7.16 25.28 17.58
C SER B 244 5.85 26.03 17.26
N LYS B 245 5.48 26.08 15.98
CA LYS B 245 4.31 26.84 15.50
C LYS B 245 3.31 25.97 14.73
N ALA B 246 2.13 26.53 14.48
CA ALA B 246 1.11 25.94 13.60
C ALA B 246 0.18 27.08 13.19
N TRP B 247 -0.10 27.19 11.90
CA TRP B 247 -0.95 28.28 11.41
C TRP B 247 -1.88 27.86 10.26
N GLU B 248 -2.95 28.64 10.07
CA GLU B 248 -3.84 28.43 8.93
C GLU B 248 -3.16 28.83 7.62
N VAL B 249 -3.16 27.93 6.66
CA VAL B 249 -2.58 28.21 5.34
C VAL B 249 -3.63 28.71 4.33
N ASP B 250 -4.77 28.02 4.21
CA ASP B 250 -5.75 28.39 3.20
C ASP B 250 -7.05 27.65 3.48
N THR B 251 -8.07 27.92 2.65
CA THR B 251 -9.40 27.35 2.79
C THR B 251 -9.93 26.86 1.44
N CYS B 252 -10.61 25.70 1.45
CA CYS B 252 -11.37 25.24 0.28
C CYS B 252 -12.83 25.66 0.45
N ARG B 253 -13.32 26.48 -0.50
CA ARG B 253 -14.67 27.03 -0.43
C ARG B 253 -15.51 26.44 -1.53
N GLY B 254 -16.71 26.00 -1.20
CA GLY B 254 -17.54 25.38 -2.21
C GLY B 254 -18.68 24.52 -1.70
N HIS B 255 -18.44 23.79 -0.62
CA HIS B 255 -19.51 22.99 -0.06
C HIS B 255 -20.61 23.93 0.36
N PHE B 256 -21.85 23.45 0.31
CA PHE B 256 -22.96 24.28 0.71
C PHE B 256 -23.75 23.70 1.89
N ASN B 257 -23.12 22.79 2.63
CA ASN B 257 -23.68 22.33 3.89
C ASN B 257 -22.50 21.86 4.74
N ASN B 258 -22.77 21.30 5.92
CA ASN B 258 -21.69 20.88 6.84
C ASN B 258 -20.71 19.93 6.14
N VAL B 259 -19.40 20.14 6.36
CA VAL B 259 -18.42 19.23 5.78
C VAL B 259 -18.15 18.18 6.84
N SER B 260 -18.48 16.93 6.55
CA SER B 260 -18.44 15.92 7.61
C SER B 260 -17.11 15.20 7.71
N CYS B 261 -16.29 15.28 6.67
CA CYS B 261 -15.03 14.53 6.67
C CYS B 261 -14.08 15.09 5.62
N CYS B 262 -12.78 14.89 5.81
CA CYS B 262 -11.81 15.34 4.84
C CYS B 262 -10.55 14.46 4.95
N LEU B 263 -9.78 14.35 3.87
CA LEU B 263 -8.52 13.59 3.94
C LEU B 263 -7.55 14.04 2.86
N PHE B 264 -6.29 13.65 3.03
CA PHE B 264 -5.27 13.93 2.05
C PHE B 264 -5.20 12.74 1.12
N HIS B 265 -5.16 12.98 -0.19
CA HIS B 265 -4.86 11.92 -1.14
C HIS B 265 -3.42 11.51 -0.88
N PRO B 266 -3.19 10.22 -0.60
CA PRO B 266 -1.82 9.79 -0.24
C PRO B 266 -0.87 9.79 -1.42
N HIS B 267 -1.38 9.82 -2.66
CA HIS B 267 -0.52 9.51 -3.80
C HIS B 267 -0.50 10.62 -4.84
N GLN B 268 -1.34 11.64 -4.62
CA GLN B 268 -1.46 12.76 -5.56
C GLN B 268 -1.63 14.02 -4.72
N GLU B 269 -1.29 15.17 -5.28
CA GLU B 269 -1.34 16.42 -4.50
C GLU B 269 -2.77 16.95 -4.50
N LEU B 270 -3.65 16.22 -3.82
CA LEU B 270 -5.08 16.53 -3.80
C LEU B 270 -5.63 16.37 -2.40
N ILE B 271 -6.69 17.12 -2.13
CA ILE B 271 -7.45 17.05 -0.89
C ILE B 271 -8.84 16.52 -1.25
N LEU B 272 -9.38 15.58 -0.44
CA LEU B 272 -10.77 15.17 -0.59
C LEU B 272 -11.63 15.57 0.58
N SER B 273 -12.89 15.90 0.32
CA SER B 273 -13.84 16.25 1.40
C SER B 273 -15.21 15.64 1.09
N ALA B 274 -16.00 15.39 2.14
CA ALA B 274 -17.33 14.83 1.98
C ALA B 274 -18.30 15.60 2.85
N SER B 275 -19.54 15.75 2.38
CA SER B 275 -20.43 16.71 2.99
C SER B 275 -21.90 16.32 3.00
N GLU B 276 -22.64 16.95 3.92
CA GLU B 276 -24.09 16.77 3.98
C GLU B 276 -24.78 17.44 2.81
N ASP B 277 -24.01 18.12 1.96
CA ASP B 277 -24.58 18.70 0.75
C ASP B 277 -24.66 17.66 -0.36
N LYS B 278 -24.37 16.41 0.00
CA LYS B 278 -24.45 15.25 -0.90
C LYS B 278 -23.35 15.19 -1.96
N THR B 279 -22.20 15.78 -1.67
CA THR B 279 -21.09 15.77 -2.62
C THR B 279 -19.81 15.29 -1.95
N ILE B 280 -18.95 14.67 -2.76
CA ILE B 280 -17.55 14.45 -2.42
C ILE B 280 -16.81 15.43 -3.33
N ARG B 281 -15.90 16.21 -2.78
CA ARG B 281 -15.19 17.15 -3.62
C ARG B 281 -13.67 16.90 -3.56
N VAL B 282 -13.05 17.13 -4.69
CA VAL B 282 -11.60 16.98 -4.85
C VAL B 282 -11.00 18.36 -5.09
N TRP B 283 -9.91 18.64 -4.41
CA TRP B 283 -9.32 19.97 -4.47
C TRP B 283 -7.82 19.86 -4.67
N ASP B 284 -7.22 20.82 -5.36
CA ASP B 284 -5.78 20.87 -5.50
C ASP B 284 -5.12 21.16 -4.16
N LEU B 285 -4.11 20.38 -3.76
CA LEU B 285 -3.45 20.59 -2.47
C LEU B 285 -2.68 21.90 -2.43
N ASN B 286 -2.18 22.35 -3.57
CA ASN B 286 -1.29 23.51 -3.55
C ASN B 286 -1.97 24.87 -3.67
N ARG B 287 -3.14 24.92 -4.32
CA ARG B 287 -3.84 26.18 -4.53
C ARG B 287 -5.22 26.18 -3.93
N ARG B 288 -5.69 24.99 -3.55
CA ARG B 288 -7.00 24.82 -2.91
C ARG B 288 -8.16 25.17 -3.85
N THR B 289 -7.92 25.04 -5.16
CA THR B 289 -8.98 25.22 -6.15
C THR B 289 -9.75 23.91 -6.39
N ALA B 290 -10.96 24.01 -6.93
CA ALA B 290 -11.78 22.83 -7.19
C ALA B 290 -11.27 22.02 -8.37
N VAL B 291 -11.17 20.71 -8.20
CA VAL B 291 -10.70 19.84 -9.28
C VAL B 291 -11.89 19.09 -9.86
N GLN B 292 -12.71 18.54 -8.97
CA GLN B 292 -13.87 17.77 -9.38
C GLN B 292 -14.89 17.64 -8.23
N THR B 293 -16.17 17.57 -8.59
CA THR B 293 -17.25 17.30 -7.64
C THR B 293 -18.03 16.05 -8.08
N PHE B 294 -18.32 15.17 -7.12
CA PHE B 294 -19.16 14.01 -7.37
C PHE B 294 -20.37 14.12 -6.48
N ARG B 295 -21.57 13.85 -6.98
CA ARG B 295 -22.74 13.96 -6.11
C ARG B 295 -23.69 12.78 -6.12
N ARG B 296 -24.55 12.71 -5.12
CA ARG B 296 -25.60 11.71 -5.08
C ARG B 296 -26.89 12.45 -4.92
N ALA B 297 -27.94 11.97 -5.59
CA ALA B 297 -29.21 12.70 -5.65
C ALA B 297 -29.85 12.85 -4.27
N ASN B 298 -29.84 11.79 -3.46
CA ASN B 298 -30.60 11.86 -2.21
C ASN B 298 -29.85 11.51 -0.94
N ASP B 299 -28.54 11.29 -1.05
CA ASP B 299 -27.78 10.77 0.08
C ASP B 299 -26.75 11.76 0.57
N ARG B 300 -26.78 12.07 1.87
CA ARG B 300 -25.74 12.89 2.49
C ARG B 300 -24.49 12.02 2.72
N PHE B 301 -23.30 12.59 2.59
CA PHE B 301 -22.09 11.84 2.91
C PHE B 301 -21.68 12.10 4.35
N TRP B 302 -21.27 11.03 5.04
CA TRP B 302 -20.83 11.14 6.43
C TRP B 302 -19.36 10.87 6.69
N PHE B 303 -18.69 10.20 5.75
CA PHE B 303 -17.33 9.74 6.01
C PHE B 303 -16.66 9.33 4.70
N ILE B 304 -15.35 9.57 4.59
CA ILE B 304 -14.58 9.00 3.48
C ILE B 304 -13.29 8.48 4.06
N THR B 305 -12.67 7.50 3.39
CA THR B 305 -11.42 6.97 3.91
C THR B 305 -10.60 6.52 2.70
N VAL B 306 -9.30 6.30 2.87
CA VAL B 306 -8.45 5.77 1.79
C VAL B 306 -7.78 4.52 2.33
N HIS B 307 -7.57 3.51 1.46
CA HIS B 307 -6.86 2.27 1.84
C HIS B 307 -5.48 2.69 2.33
N PRO B 308 -4.92 1.98 3.33
CA PRO B 308 -3.63 2.48 3.83
C PRO B 308 -2.49 2.27 2.83
N LYS B 309 -2.70 1.54 1.73
CA LYS B 309 -1.62 1.31 0.77
C LYS B 309 -2.02 1.55 -0.68
N LEU B 310 -3.24 1.15 -1.02
CA LEU B 310 -3.72 1.25 -2.39
C LEU B 310 -4.38 2.60 -2.67
N ASN B 311 -4.38 2.96 -3.95
CA ASN B 311 -5.07 4.16 -4.41
C ASN B 311 -6.54 3.79 -4.53
N LEU B 312 -7.21 3.69 -3.39
CA LEU B 312 -8.57 3.16 -3.35
C LEU B 312 -9.32 3.82 -2.20
N PHE B 313 -10.55 4.28 -2.47
CA PHE B 313 -11.32 5.07 -1.52
C PHE B 313 -12.65 4.43 -1.17
N ALA B 314 -13.20 4.82 -0.01
CA ALA B 314 -14.57 4.44 0.32
C ALA B 314 -15.30 5.62 0.90
N ALA B 315 -16.62 5.66 0.72
CA ALA B 315 -17.43 6.71 1.32
C ALA B 315 -18.68 6.08 1.92
N ALA B 316 -19.13 6.64 3.05
CA ALA B 316 -20.33 6.20 3.74
C ALA B 316 -21.38 7.29 3.58
N HIS B 317 -22.61 6.91 3.24
CA HIS B 317 -23.66 7.89 3.02
C HIS B 317 -25.01 7.37 3.54
N ASP B 318 -26.07 8.16 3.36
CA ASP B 318 -27.41 7.79 3.85
C ASP B 318 -27.96 6.44 3.41
N SER B 319 -27.44 5.88 2.31
CA SER B 319 -28.00 4.65 1.77
C SER B 319 -27.00 3.49 1.65
N GLY B 320 -25.85 3.59 2.32
CA GLY B 320 -24.82 2.57 2.19
C GLY B 320 -23.41 3.11 1.99
N VAL B 321 -22.55 2.27 1.41
CA VAL B 321 -21.17 2.71 1.16
C VAL B 321 -20.72 2.39 -0.27
N MET B 322 -19.78 3.16 -0.76
CA MET B 322 -19.22 2.93 -2.09
C MET B 322 -17.73 2.82 -1.92
N VAL B 323 -17.12 1.94 -2.71
CA VAL B 323 -15.66 1.81 -2.76
C VAL B 323 -15.31 2.21 -4.17
N PHE B 324 -14.38 3.13 -4.36
CA PHE B 324 -14.11 3.64 -5.71
C PHE B 324 -12.66 4.02 -5.93
N LYS B 325 -12.27 4.13 -7.20
CA LYS B 325 -11.00 4.73 -7.58
C LYS B 325 -11.31 6.08 -8.20
N LEU B 326 -10.32 6.96 -8.23
CA LEU B 326 -10.42 8.25 -8.90
C LEU B 326 -9.48 8.33 -10.12
N GLU B 327 -10.08 8.59 -11.28
CA GLU B 327 -9.46 8.59 -12.63
C GLU B 327 -8.34 7.59 -12.80
N ALA C 1 -34.88 16.44 19.05
CA ALA C 1 -36.06 17.19 19.44
C ALA C 1 -35.85 18.72 19.46
N ALA C 2 -34.67 19.19 19.89
CA ALA C 2 -34.24 20.59 19.66
C ALA C 2 -33.24 20.66 18.48
N SER C 3 -32.98 21.86 17.95
CA SER C 3 -32.33 22.02 16.63
C SER C 3 -30.92 21.39 16.55
N PHE C 4 -30.11 21.66 17.56
CA PHE C 4 -28.75 21.12 17.62
C PHE C 4 -28.70 19.60 17.80
N ILE C 5 -29.52 19.07 18.71
CA ILE C 5 -29.59 17.61 18.92
C ILE C 5 -29.96 16.91 17.62
N ASP C 6 -30.99 17.42 16.97
CA ASP C 6 -31.44 16.80 15.72
C ASP C 6 -30.46 16.93 14.55
N ALA C 7 -29.80 18.09 14.42
CA ALA C 7 -28.92 18.33 13.27
C ALA C 7 -27.51 17.81 13.47
N LYS C 8 -27.03 17.91 14.70
CA LYS C 8 -25.64 17.57 14.97
C LYS C 8 -25.45 16.29 15.77
N LYS C 9 -26.21 16.12 16.85
CA LYS C 9 -25.86 15.01 17.76
C LYS C 9 -26.29 13.67 17.17
N MET C 10 -27.53 13.62 16.67
CA MET C 10 -28.19 12.37 16.29
C MET C 10 -27.82 11.73 14.94
N PRO C 11 -27.72 12.51 13.84
CA PRO C 11 -27.63 11.81 12.55
C PRO C 11 -26.28 11.10 12.28
N SER D 3 3.82 3.23 8.70
CA SER D 3 4.55 4.04 7.74
C SER D 3 4.69 3.32 6.39
N PHE D 4 3.56 2.99 5.78
CA PHE D 4 3.63 2.18 4.58
C PHE D 4 4.28 2.87 3.38
N ILE D 5 3.76 4.02 2.98
CA ILE D 5 4.23 4.66 1.74
C ILE D 5 5.74 4.87 1.71
N ASP D 6 6.28 5.54 2.74
CA ASP D 6 7.71 5.80 2.76
C ASP D 6 8.56 4.57 3.07
N ALA D 7 8.06 3.68 3.91
CA ALA D 7 8.90 2.55 4.31
C ALA D 7 8.84 1.36 3.35
N LYS D 8 7.71 1.20 2.66
CA LYS D 8 7.52 0.04 1.77
C LYS D 8 7.25 0.38 0.29
N LYS D 9 6.38 1.35 0.00
CA LYS D 9 6.05 1.61 -1.41
C LYS D 9 7.22 2.26 -2.13
N MET D 10 7.87 3.20 -1.46
CA MET D 10 8.83 4.05 -2.16
C MET D 10 10.28 3.58 -2.38
N PRO D 11 10.91 2.90 -1.41
CA PRO D 11 12.33 2.59 -1.56
C PRO D 11 12.64 1.68 -2.75
#